data_4C25
#
_entry.id   4C25
#
_cell.length_a   113.490
_cell.length_b   113.490
_cell.length_c   41.300
_cell.angle_alpha   90.00
_cell.angle_beta   90.00
_cell.angle_gamma   90.00
#
_symmetry.space_group_name_H-M   'I 4'
#
loop_
_entity.id
_entity.type
_entity.pdbx_description
1 polymer 'L-FUCULOSE PHOSPHATE ALDOLASE'
2 non-polymer 'ZINC ION'
3 non-polymer 'NICKEL (II) ION'
4 non-polymer 1,3-DIHYDROXYACETONEPHOSPHATE
5 non-polymer 'SULFATE ION'
6 non-polymer 1,2-ETHANEDIOL
7 non-polymer GLYCEROL
8 water water
#
_entity_poly.entity_id   1
_entity_poly.type   'polypeptide(L)'
_entity_poly.pdbx_seq_one_letter_code
;GSHMASSDVKQELIKYGKKLVETDLTKGTGGNLSVFDREKQLMAITPSGIDFFEIKESDIVVMDINGNVVEGERLPSSEW
YMHLIQYQTRDDIDAIIHAHTTYATVLACLREPLPASHYMIAVAGKDVRVAEYATYGTKELAVNAAKAMEGRRAVLLANH
GILAGAQNLLNAFNIVEEVEYCAKIYCLAKNFGEPVVLPDEEMELMAEKFKF
;
_entity_poly.pdbx_strand_id   A
#
# COMPACT_ATOMS: atom_id res chain seq x y z
N GLY A 1 22.13 -0.88 21.23
CA GLY A 1 22.40 -2.17 20.54
C GLY A 1 21.22 -3.08 20.63
N SER A 2 20.03 -2.49 20.44
CA SER A 2 18.73 -3.18 20.33
C SER A 2 17.64 -2.10 20.19
N HIS A 3 18.06 -0.87 19.89
CA HIS A 3 17.18 0.30 19.94
C HIS A 3 16.56 0.64 18.60
N MET A 4 17.12 0.07 17.55
CA MET A 4 16.71 0.37 16.16
C MET A 4 16.06 -0.84 15.49
N ALA A 5 15.42 -0.63 14.33
CA ALA A 5 14.70 -1.70 13.61
C ALA A 5 15.60 -2.92 13.32
N SER A 6 15.05 -4.12 13.46
CA SER A 6 15.87 -5.34 13.44
C SER A 6 16.19 -5.85 12.04
N SER A 7 17.25 -6.65 11.97
CA SER A 7 17.69 -7.29 10.73
C SER A 7 16.53 -7.91 9.93
N ASP A 8 15.70 -8.72 10.60
CA ASP A 8 14.63 -9.45 9.91
C ASP A 8 13.54 -8.57 9.29
N VAL A 9 13.32 -7.39 9.86
CA VAL A 9 12.38 -6.42 9.32
C VAL A 9 12.90 -5.91 7.98
N LYS A 10 14.18 -5.53 7.97
CA LYS A 10 14.86 -5.06 6.77
C LYS A 10 14.82 -6.15 5.72
N GLN A 11 15.15 -7.38 6.15
CA GLN A 11 15.03 -8.59 5.33
C GLN A 11 13.61 -8.78 4.79
N GLU A 12 12.61 -8.58 5.62
CA GLU A 12 11.24 -8.75 5.16
C GLU A 12 10.86 -7.78 4.05
N LEU A 13 11.32 -6.54 4.17
CA LEU A 13 11.05 -5.51 3.18
C LEU A 13 11.67 -5.85 1.82
N ILE A 14 12.89 -6.37 1.86
CA ILE A 14 13.64 -6.77 0.64
C ILE A 14 12.96 -7.96 -0.04
N LYS A 15 12.54 -8.94 0.74
CA LYS A 15 11.78 -10.08 0.23
C LYS A 15 10.47 -9.68 -0.46
N TYR A 16 9.67 -8.83 0.18
CA TYR A 16 8.38 -8.50 -0.41
C TYR A 16 8.50 -7.56 -1.60
N GLY A 17 9.56 -6.76 -1.60
CA GLY A 17 9.91 -5.95 -2.75
C GLY A 17 10.16 -6.81 -3.98
N LYS A 18 10.95 -7.87 -3.79
CA LYS A 18 11.22 -8.80 -4.87
C LYS A 18 9.94 -9.42 -5.36
N LYS A 19 9.13 -9.89 -4.41
CA LYS A 19 7.93 -10.64 -4.70
C LYS A 19 6.87 -9.84 -5.48
N LEU A 20 6.85 -8.53 -5.26
CA LEU A 20 6.11 -7.64 -6.14
C LEU A 20 6.56 -7.77 -7.62
N VAL A 21 7.87 -7.86 -7.82
CA VAL A 21 8.43 -8.02 -9.16
C VAL A 21 8.24 -9.47 -9.67
N GLU A 22 8.60 -10.47 -8.86
CA GLU A 22 8.53 -11.89 -9.25
C GLU A 22 7.13 -12.37 -9.62
N THR A 23 6.10 -11.68 -9.12
CA THR A 23 4.73 -12.02 -9.47
C THR A 23 4.18 -10.98 -10.43
N ASP A 24 5.06 -10.13 -10.93
CA ASP A 24 4.67 -9.09 -11.87
C ASP A 24 3.43 -8.34 -11.40
N LEU A 25 3.34 -8.07 -10.08
CA LEU A 25 2.34 -7.12 -9.63
C LEU A 25 2.77 -5.76 -10.13
N THR A 26 4.06 -5.49 -9.97
CA THR A 26 4.65 -4.27 -10.50
C THR A 26 6.07 -4.49 -11.00
N LYS A 27 6.51 -3.64 -11.92
CA LYS A 27 7.87 -3.70 -12.48
C LYS A 27 8.95 -3.25 -11.50
N GLY A 28 8.59 -2.32 -10.62
N GLY A 28 8.60 -2.38 -10.57
CA GLY A 28 9.51 -1.81 -9.59
CA GLY A 28 9.57 -1.84 -9.62
C GLY A 28 9.50 -0.30 -9.34
C GLY A 28 9.83 -0.37 -9.88
N THR A 29 9.23 0.49 -10.38
N THR A 29 9.90 0.00 -11.16
CA THR A 29 9.32 1.96 -10.31
CA THR A 29 9.89 1.40 -11.49
C THR A 29 8.19 2.59 -9.50
C THR A 29 9.73 2.13 -10.16
N GLY A 30 8.58 3.52 -8.61
N GLY A 30 8.57 2.74 -9.92
CA GLY A 30 7.65 4.34 -7.84
CA GLY A 30 8.28 3.33 -8.62
C GLY A 30 6.93 3.59 -6.74
C GLY A 30 7.85 2.27 -7.63
N GLY A 31 7.20 2.30 -6.67
N GLY A 31 7.13 2.67 -6.58
CA GLY A 31 6.70 1.44 -5.60
CA GLY A 31 6.66 1.72 -5.58
C GLY A 31 7.62 1.51 -4.41
C GLY A 31 7.61 1.60 -4.40
N ASN A 32 7.07 1.26 -3.24
CA ASN A 32 7.80 1.35 -1.96
C ASN A 32 7.06 0.62 -0.87
N LEU A 33 7.83 0.13 0.10
CA LEU A 33 7.32 -0.61 1.23
C LEU A 33 7.86 -0.07 2.56
N SER A 34 7.08 -0.20 3.63
CA SER A 34 7.55 0.15 4.97
C SER A 34 6.92 -0.73 6.02
N VAL A 35 7.56 -0.80 7.19
CA VAL A 35 6.94 -1.34 8.40
C VAL A 35 7.05 -0.34 9.53
N PHE A 36 6.08 -0.35 10.43
CA PHE A 36 6.16 0.41 11.65
C PHE A 36 6.36 -0.51 12.84
N ASP A 37 7.29 -0.15 13.72
CA ASP A 37 7.51 -0.88 14.95
C ASP A 37 6.90 -0.05 16.09
N ARG A 38 5.69 -0.42 16.53
CA ARG A 38 4.89 0.38 17.49
C ARG A 38 5.47 0.55 18.88
N GLU A 39 6.20 -0.46 19.35
CA GLU A 39 6.88 -0.34 20.63
C GLU A 39 8.01 0.68 20.48
N LYS A 40 8.78 0.57 19.40
CA LYS A 40 9.90 1.50 19.15
C LYS A 40 9.47 2.84 18.53
N GLN A 41 8.30 2.88 17.89
CA GLN A 41 7.87 4.04 17.13
C GLN A 41 8.88 4.40 16.01
N LEU A 42 9.29 3.40 15.24
CA LEU A 42 10.25 3.58 14.15
C LEU A 42 9.65 2.98 12.91
N MET A 43 9.76 3.71 11.79
CA MET A 43 9.40 3.19 10.49
C MET A 43 10.67 2.82 9.78
N ALA A 44 10.74 1.60 9.25
CA ALA A 44 11.76 1.25 8.25
C ALA A 44 11.07 1.29 6.88
N ILE A 45 11.71 1.94 5.92
CA ILE A 45 11.09 2.17 4.61
C ILE A 45 12.14 1.90 3.55
N THR A 46 11.70 1.45 2.37
CA THR A 46 12.61 1.21 1.22
C THR A 46 13.32 2.52 0.77
N PRO A 47 14.56 2.44 0.21
CA PRO A 47 15.24 3.65 -0.27
C PRO A 47 14.63 4.20 -1.54
N SER A 48 14.93 5.46 -1.88
CA SER A 48 14.57 6.07 -3.15
C SER A 48 15.34 5.53 -4.37
N GLY A 49 14.60 5.31 -5.46
CA GLY A 49 15.19 5.06 -6.79
C GLY A 49 16.12 3.86 -6.90
N ILE A 50 15.97 2.89 -6.01
CA ILE A 50 16.81 1.70 -6.10
C ILE A 50 15.99 0.49 -6.50
N ASP A 51 16.47 -0.17 -7.55
CA ASP A 51 15.79 -1.30 -8.14
C ASP A 51 15.57 -2.36 -7.07
N PHE A 52 14.41 -2.99 -7.08
CA PHE A 52 14.04 -3.85 -5.99
C PHE A 52 15.03 -5.00 -5.81
N PHE A 53 15.71 -5.36 -6.89
CA PHE A 53 16.64 -6.49 -6.90
C PHE A 53 18.07 -6.10 -6.60
N GLU A 54 18.27 -4.80 -6.35
CA GLU A 54 19.57 -4.22 -5.98
C GLU A 54 19.55 -3.56 -4.60
N ILE A 55 18.46 -3.72 -3.84
CA ILE A 55 18.35 -3.16 -2.47
C ILE A 55 19.08 -4.05 -1.44
N LYS A 56 20.07 -3.48 -0.74
CA LYS A 56 20.73 -4.21 0.34
C LYS A 56 20.12 -3.86 1.70
N GLU A 57 20.46 -4.67 2.71
CA GLU A 57 19.99 -4.45 4.07
C GLU A 57 20.40 -3.06 4.56
N SER A 58 21.55 -2.58 4.12
CA SER A 58 22.01 -1.27 4.52
C SER A 58 21.32 -0.12 3.76
N ASP A 59 20.51 -0.45 2.75
CA ASP A 59 19.77 0.55 1.98
C ASP A 59 18.44 0.93 2.63
N ILE A 60 17.91 0.04 3.46
CA ILE A 60 16.67 0.33 4.18
C ILE A 60 16.92 1.49 5.14
N VAL A 61 15.96 2.42 5.17
CA VAL A 61 16.07 3.63 5.93
C VAL A 61 15.18 3.53 7.19
N VAL A 62 15.71 3.92 8.35
CA VAL A 62 14.91 3.94 9.59
C VAL A 62 14.67 5.39 10.05
N MET A 63 13.45 5.65 10.47
CA MET A 63 12.98 7.01 10.65
C MET A 63 12.15 7.06 11.95
N ASP A 64 12.21 8.15 12.70
CA ASP A 64 11.30 8.30 13.82
C ASP A 64 9.95 8.86 13.36
N ILE A 65 9.04 9.07 14.30
CA ILE A 65 7.65 9.45 14.00
C ILE A 65 7.46 10.82 13.35
N ASN A 66 8.48 11.66 13.40
CA ASN A 66 8.42 13.00 12.80
C ASN A 66 9.27 13.10 11.54
N GLY A 67 9.71 11.94 11.03
CA GLY A 67 10.49 11.89 9.80
C GLY A 67 11.98 12.12 9.99
N ASN A 68 12.49 12.02 11.23
CA ASN A 68 13.93 12.21 11.37
C ASN A 68 14.63 10.90 11.08
N VAL A 69 15.46 10.84 10.06
CA VAL A 69 16.10 9.56 9.79
C VAL A 69 17.10 9.24 10.92
N VAL A 70 17.06 8.02 11.45
CA VAL A 70 17.94 7.61 12.53
C VAL A 70 18.89 6.46 12.13
N GLU A 71 18.70 5.88 10.95
CA GLU A 71 19.57 4.81 10.49
C GLU A 71 19.55 4.79 8.95
N GLY A 72 20.72 4.62 8.36
CA GLY A 72 20.85 4.50 6.90
C GLY A 72 21.35 5.75 6.21
N GLU A 73 22.05 5.57 5.11
CA GLU A 73 22.72 6.64 4.38
C GLU A 73 21.90 7.07 3.19
N ARG A 74 21.08 6.17 2.67
CA ARG A 74 20.31 6.41 1.45
C ARG A 74 19.15 7.36 1.70
N LEU A 75 18.76 8.14 0.71
CA LEU A 75 17.49 8.84 0.78
C LEU A 75 16.38 7.82 0.92
N PRO A 76 15.42 8.06 1.82
CA PRO A 76 14.22 7.24 1.92
C PRO A 76 13.33 7.44 0.71
N SER A 77 12.44 6.48 0.46
CA SER A 77 11.47 6.60 -0.64
C SER A 77 10.86 8.02 -0.70
N SER A 78 10.75 8.59 -1.89
CA SER A 78 10.07 9.86 -2.05
C SER A 78 8.64 9.90 -1.44
N GLU A 79 8.08 8.74 -1.12
CA GLU A 79 6.76 8.66 -0.53
C GLU A 79 6.78 8.35 0.99
N TRP A 80 7.94 8.47 1.62
CA TRP A 80 8.10 8.21 3.08
C TRP A 80 6.98 8.80 3.94
N TYR A 81 6.47 9.95 3.52
CA TYR A 81 5.47 10.69 4.31
C TYR A 81 4.05 10.24 4.07
N MET A 82 3.76 9.77 2.86
CA MET A 82 2.51 9.06 2.63
C MET A 82 2.42 7.81 3.54
N HIS A 83 3.56 7.15 3.78
CA HIS A 83 3.57 5.99 4.69
C HIS A 83 3.45 6.43 6.16
N LEU A 84 4.44 7.21 6.61
CA LEU A 84 4.50 7.77 7.98
C LEU A 84 3.19 8.34 8.51
N ILE A 85 2.48 9.13 7.70
CA ILE A 85 1.20 9.75 8.15
C ILE A 85 0.08 8.73 8.43
N GLN A 86 0.09 7.59 7.72
CA GLN A 86 -0.80 6.48 8.07
C GLN A 86 -0.42 5.90 9.43
N TYR A 87 0.87 5.72 9.70
CA TYR A 87 1.24 5.19 11.02
C TYR A 87 0.95 6.20 12.15
N GLN A 88 0.95 7.50 11.82
CA GLN A 88 0.68 8.55 12.81
C GLN A 88 -0.78 8.65 13.19
N THR A 89 -1.68 8.31 12.27
CA THR A 89 -3.11 8.55 12.46
C THR A 89 -3.93 7.28 12.71
N ARG A 90 -3.28 6.12 12.65
CA ARG A 90 -3.98 4.82 12.66
C ARG A 90 -3.15 3.77 13.35
N ASP A 91 -3.78 2.97 14.23
CA ASP A 91 -3.04 1.96 14.99
CA ASP A 91 -3.11 1.96 15.05
C ASP A 91 -3.29 0.53 14.52
N ASP A 92 -4.23 0.36 13.59
CA ASP A 92 -4.58 -0.95 13.02
C ASP A 92 -3.67 -1.36 11.84
N ILE A 93 -2.68 -0.52 11.52
CA ILE A 93 -1.83 -0.73 10.35
C ILE A 93 -0.36 -0.67 10.71
N ASP A 94 0.37 -1.75 10.47
CA ASP A 94 1.81 -1.78 10.83
C ASP A 94 2.77 -2.03 9.65
N ALA A 95 2.21 -2.08 8.43
CA ALA A 95 2.97 -2.43 7.21
C ALA A 95 2.22 -1.91 6.01
N ILE A 96 2.92 -1.16 5.15
CA ILE A 96 2.26 -0.56 4.00
C ILE A 96 3.07 -0.84 2.73
N ILE A 97 2.34 -1.00 1.64
CA ILE A 97 2.92 -1.21 0.32
C ILE A 97 2.24 -0.26 -0.64
N HIS A 98 3.08 0.48 -1.35
CA HIS A 98 2.72 1.29 -2.52
C HIS A 98 3.20 0.59 -3.80
N ALA A 99 2.37 0.70 -4.83
CA ALA A 99 2.63 -0.01 -6.09
C ALA A 99 1.87 0.65 -7.22
N HIS A 100 2.49 0.63 -8.40
CA HIS A 100 1.82 0.97 -9.67
C HIS A 100 1.49 -0.34 -10.39
N THR A 101 0.29 -0.85 -10.13
CA THR A 101 -0.13 -2.14 -10.68
C THR A 101 -0.88 -1.82 -11.98
N THR A 102 -1.60 -2.77 -12.56
CA THR A 102 -2.23 -2.48 -13.84
C THR A 102 -3.67 -1.91 -13.75
N TYR A 103 -4.61 -2.76 -13.39
CA TYR A 103 -6.04 -2.39 -13.48
C TYR A 103 -6.48 -1.45 -12.32
N ALA A 104 -5.84 -1.55 -11.17
CA ALA A 104 -6.10 -0.60 -10.06
C ALA A 104 -5.71 0.82 -10.50
N THR A 105 -4.53 0.89 -11.07
CA THR A 105 -4.04 2.13 -11.66
C THR A 105 -4.90 2.65 -12.79
N VAL A 106 -5.48 1.76 -13.58
CA VAL A 106 -6.44 2.11 -14.60
C VAL A 106 -7.65 2.78 -13.99
N LEU A 107 -8.17 2.20 -12.90
CA LEU A 107 -9.26 2.85 -12.19
C LEU A 107 -8.80 4.19 -11.57
N ALA A 108 -7.57 4.19 -11.05
CA ALA A 108 -6.98 5.39 -10.52
C ALA A 108 -6.95 6.53 -11.57
N CYS A 109 -6.62 6.22 -12.84
CA CYS A 109 -6.49 7.29 -13.85
C CYS A 109 -7.85 7.75 -14.40
N LEU A 110 -8.89 6.98 -14.11
CA LEU A 110 -10.26 7.32 -14.54
C LEU A 110 -10.82 8.09 -13.38
N ARG A 111 -10.08 7.99 -12.27
CA ARG A 111 -10.58 8.45 -10.98
C ARG A 111 -11.95 7.78 -10.68
N GLU A 112 -11.96 6.45 -10.75
CA GLU A 112 -13.13 5.62 -10.41
C GLU A 112 -12.82 4.69 -9.26
N PRO A 113 -13.75 4.62 -8.27
CA PRO A 113 -13.61 3.68 -7.17
C PRO A 113 -13.87 2.22 -7.62
N LEU A 114 -13.39 1.28 -6.81
CA LEU A 114 -13.62 -0.14 -7.02
C LEU A 114 -14.78 -0.60 -6.11
N PRO A 115 -15.98 -0.92 -6.68
CA PRO A 115 -17.10 -1.47 -5.89
C PRO A 115 -17.00 -3.00 -5.74
N ALA A 116 -18.01 -3.62 -5.11
CA ALA A 116 -17.93 -5.05 -4.76
C ALA A 116 -18.64 -6.00 -5.75
N SER A 117 -18.20 -5.91 -6.99
CA SER A 117 -18.52 -6.87 -8.03
C SER A 117 -17.87 -8.22 -7.70
N HIS A 118 -16.74 -8.22 -7.00
CA HIS A 118 -16.19 -9.48 -6.45
C HIS A 118 -16.05 -9.39 -4.92
N TYR A 119 -16.45 -10.46 -4.24
CA TYR A 119 -16.55 -10.43 -2.79
C TYR A 119 -15.17 -10.29 -2.12
N MET A 120 -14.09 -10.75 -2.76
CA MET A 120 -12.76 -10.72 -2.10
C MET A 120 -12.23 -9.31 -1.75
N ILE A 121 -12.89 -8.28 -2.28
CA ILE A 121 -12.63 -6.87 -2.01
C ILE A 121 -12.69 -6.63 -0.50
N ALA A 122 -13.48 -7.47 0.18
CA ALA A 122 -13.61 -7.41 1.63
C ALA A 122 -12.29 -7.47 2.38
N VAL A 123 -11.20 -7.96 1.80
CA VAL A 123 -9.90 -7.83 2.53
C VAL A 123 -9.50 -6.37 2.80
N ALA A 124 -10.19 -5.40 2.16
CA ALA A 124 -9.86 -3.99 2.27
C ALA A 124 -11.05 -3.13 2.68
N GLY A 125 -12.25 -3.50 2.22
CA GLY A 125 -13.47 -2.81 2.62
C GLY A 125 -14.61 -3.22 1.73
N LYS A 126 -15.70 -2.47 1.75
CA LYS A 126 -16.81 -2.74 0.83
C LYS A 126 -16.50 -2.19 -0.56
N ASP A 127 -15.62 -1.19 -0.59
CA ASP A 127 -15.11 -0.60 -1.80
C ASP A 127 -13.74 0.02 -1.56
N VAL A 128 -13.03 0.30 -2.65
CA VAL A 128 -11.81 1.08 -2.55
C VAL A 128 -12.04 2.46 -3.18
N ARG A 129 -11.80 3.48 -2.36
CA ARG A 129 -11.95 4.87 -2.75
C ARG A 129 -10.76 5.34 -3.58
N VAL A 130 -11.00 6.41 -4.34
CA VAL A 130 -9.87 7.04 -5.01
C VAL A 130 -9.52 8.40 -4.36
N ALA A 131 -8.29 8.51 -3.83
CA ALA A 131 -7.79 9.79 -3.29
C ALA A 131 -7.85 10.89 -4.35
N GLU A 132 -7.96 12.13 -3.89
CA GLU A 132 -7.87 13.32 -4.75
C GLU A 132 -6.44 13.46 -5.25
N TYR A 133 -6.29 14.00 -6.48
CA TYR A 133 -4.95 14.05 -7.11
C TYR A 133 -3.95 14.92 -6.37
N ALA A 134 -2.72 14.43 -6.24
CA ALA A 134 -1.61 15.29 -5.84
C ALA A 134 -0.32 14.70 -6.35
N THR A 135 0.64 15.57 -6.62
CA THR A 135 1.96 15.27 -7.17
C THR A 135 2.67 14.21 -6.31
N TYR A 136 3.28 13.20 -6.92
CA TYR A 136 3.97 12.18 -6.13
C TYR A 136 4.89 12.89 -5.16
N GLY A 137 5.10 12.22 -4.03
CA GLY A 137 6.11 12.57 -3.04
C GLY A 137 5.87 13.82 -2.22
N THR A 138 4.67 14.41 -2.33
CA THR A 138 4.32 15.64 -1.63
C THR A 138 3.36 15.41 -0.43
N LYS A 139 3.30 16.42 0.44
CA LYS A 139 2.43 16.38 1.61
C LYS A 139 0.96 16.30 1.25
N GLU A 140 0.51 16.98 0.19
CA GLU A 140 -0.91 16.90 -0.23
CA GLU A 140 -0.93 16.87 -0.12
C GLU A 140 -1.29 15.45 -0.56
N LEU A 141 -0.40 14.76 -1.26
CA LEU A 141 -0.63 13.35 -1.60
C LEU A 141 -0.90 12.51 -0.36
N ALA A 142 0.03 12.56 0.60
CA ALA A 142 -0.01 11.79 1.84
C ALA A 142 -1.31 12.06 2.59
N VAL A 143 -1.69 13.33 2.62
CA VAL A 143 -2.88 13.76 3.31
C VAL A 143 -4.10 13.26 2.56
N ASN A 144 -4.09 13.43 1.24
CA ASN A 144 -5.19 12.91 0.39
C ASN A 144 -5.34 11.38 0.56
N ALA A 145 -4.21 10.68 0.70
CA ALA A 145 -4.21 9.23 0.84
C ALA A 145 -4.68 8.75 2.22
N ALA A 146 -4.21 9.40 3.28
CA ALA A 146 -4.72 9.12 4.63
C ALA A 146 -6.23 9.30 4.69
N LYS A 147 -6.73 10.43 4.20
CA LYS A 147 -8.19 10.68 4.25
C LYS A 147 -9.04 9.70 3.47
N ALA A 148 -8.73 9.50 2.19
CA ALA A 148 -9.51 8.54 1.40
C ALA A 148 -9.29 7.05 1.77
N MET A 149 -8.22 6.70 2.50
CA MET A 149 -8.09 5.32 3.07
C MET A 149 -8.78 5.12 4.44
N GLU A 150 -9.44 6.16 4.94
CA GLU A 150 -10.14 6.05 6.23
C GLU A 150 -11.22 4.99 6.13
N GLY A 151 -11.20 4.07 7.09
CA GLY A 151 -12.16 2.98 7.14
C GLY A 151 -11.83 1.83 6.18
N ARG A 152 -10.63 1.82 5.57
CA ARG A 152 -10.25 0.81 4.61
C ARG A 152 -8.82 0.39 4.85
N ARG A 153 -8.39 -0.68 4.19
CA ARG A 153 -6.99 -1.08 4.16
C ARG A 153 -6.33 -0.78 2.79
N ALA A 154 -7.06 -0.08 1.91
CA ALA A 154 -6.57 0.30 0.59
C ALA A 154 -7.21 1.57 0.02
N VAL A 155 -6.45 2.24 -0.84
CA VAL A 155 -6.95 3.44 -1.52
C VAL A 155 -6.26 3.55 -2.88
N LEU A 156 -6.97 4.10 -3.85
CA LEU A 156 -6.38 4.35 -5.16
C LEU A 156 -5.82 5.80 -5.20
N LEU A 157 -4.65 5.96 -5.81
CA LEU A 157 -4.01 7.28 -5.91
C LEU A 157 -4.21 7.73 -7.35
N ALA A 158 -5.02 8.78 -7.51
CA ALA A 158 -5.46 9.31 -8.79
C ALA A 158 -4.27 9.41 -9.73
N ASN A 159 -4.44 8.90 -10.93
CA ASN A 159 -3.41 8.98 -11.98
C ASN A 159 -2.06 8.47 -11.52
N HIS A 160 -2.03 7.48 -10.62
CA HIS A 160 -0.75 7.10 -9.98
C HIS A 160 -0.59 5.62 -9.61
N GLY A 161 -1.43 5.14 -8.71
CA GLY A 161 -1.24 3.78 -8.23
C GLY A 161 -2.15 3.41 -7.09
N ILE A 162 -1.62 2.56 -6.23
CA ILE A 162 -2.40 1.96 -5.17
C ILE A 162 -1.60 2.08 -3.88
N LEU A 163 -2.33 2.21 -2.78
CA LEU A 163 -1.71 2.14 -1.45
C LEU A 163 -2.55 1.19 -0.61
N ALA A 164 -1.87 0.29 0.09
CA ALA A 164 -2.55 -0.63 0.96
C ALA A 164 -1.76 -0.81 2.23
N GLY A 165 -2.42 -1.21 3.31
CA GLY A 165 -1.74 -1.42 4.59
C GLY A 165 -2.51 -2.43 5.43
N ALA A 166 -1.75 -3.17 6.25
CA ALA A 166 -2.27 -4.23 7.10
C ALA A 166 -1.33 -4.43 8.30
N GLN A 167 -1.62 -5.44 9.12
CA GLN A 167 -0.87 -5.67 10.37
C GLN A 167 0.54 -6.14 10.10
N ASN A 168 0.81 -6.68 8.90
CA ASN A 168 2.19 -7.07 8.51
C ASN A 168 2.45 -7.11 6.98
N LEU A 169 3.67 -7.44 6.58
CA LEU A 169 4.00 -7.35 5.15
C LEU A 169 3.28 -8.41 4.32
N LEU A 170 3.21 -9.63 4.85
CA LEU A 170 2.46 -10.71 4.22
C LEU A 170 1.04 -10.25 3.90
N ASN A 171 0.36 -9.72 4.89
CA ASN A 171 -1.03 -9.30 4.72
C ASN A 171 -1.14 -8.07 3.83
N ALA A 172 -0.14 -7.19 3.87
CA ALA A 172 -0.20 -5.97 3.03
C ALA A 172 -0.08 -6.43 1.57
N PHE A 173 0.82 -7.38 1.36
CA PHE A 173 1.10 -7.92 0.03
C PHE A 173 -0.15 -8.56 -0.60
N ASN A 174 -0.85 -9.36 0.21
CA ASN A 174 -2.06 -10.05 -0.25
CA ASN A 174 -2.03 -10.04 -0.29
C ASN A 174 -3.19 -9.08 -0.57
N ILE A 175 -3.18 -7.93 0.08
CA ILE A 175 -4.24 -6.93 -0.15
C ILE A 175 -4.08 -6.23 -1.51
N VAL A 176 -2.85 -5.92 -1.88
CA VAL A 176 -2.49 -5.43 -3.22
C VAL A 176 -2.90 -6.46 -4.28
N GLU A 177 -2.37 -7.66 -4.16
CA GLU A 177 -2.73 -8.75 -5.03
C GLU A 177 -4.24 -8.84 -5.25
N GLU A 178 -4.94 -8.98 -4.14
CA GLU A 178 -6.36 -9.18 -4.14
C GLU A 178 -7.12 -7.96 -4.68
N VAL A 179 -6.67 -6.76 -4.32
CA VAL A 179 -7.30 -5.53 -4.86
C VAL A 179 -7.00 -5.32 -6.36
N GLU A 180 -5.79 -5.67 -6.78
CA GLU A 180 -5.47 -5.66 -8.22
C GLU A 180 -6.32 -6.68 -9.00
N TYR A 181 -6.60 -7.80 -8.37
CA TYR A 181 -7.35 -8.83 -9.02
C TYR A 181 -8.79 -8.39 -9.18
N CYS A 182 -9.34 -7.80 -8.13
CA CYS A 182 -10.72 -7.31 -8.15
C CYS A 182 -10.93 -6.17 -9.12
N ALA A 183 -9.97 -5.25 -9.18
CA ALA A 183 -9.99 -4.14 -10.15
C ALA A 183 -9.95 -4.76 -11.56
N LYS A 184 -9.05 -5.72 -11.74
CA LYS A 184 -9.00 -6.40 -13.06
C LYS A 184 -10.35 -6.97 -13.41
N ILE A 185 -10.88 -7.85 -12.55
CA ILE A 185 -12.22 -8.36 -12.73
C ILE A 185 -13.23 -7.23 -13.11
N TYR A 186 -13.21 -6.14 -12.36
CA TYR A 186 -14.26 -5.13 -12.49
C TYR A 186 -14.17 -4.40 -13.83
N CYS A 187 -12.97 -4.04 -14.24
CA CYS A 187 -12.75 -3.41 -15.56
C CYS A 187 -13.20 -4.32 -16.70
N LEU A 188 -12.74 -5.57 -16.66
CA LEU A 188 -13.08 -6.52 -17.73
C LEU A 188 -14.59 -6.70 -17.81
N ALA A 189 -15.25 -6.86 -16.65
CA ALA A 189 -16.71 -7.04 -16.63
C ALA A 189 -17.35 -5.87 -17.31
N LYS A 190 -16.81 -4.69 -17.06
CA LYS A 190 -17.45 -3.44 -17.50
C LYS A 190 -17.28 -3.29 -19.02
N ASN A 191 -16.28 -3.97 -19.59
CA ASN A 191 -16.21 -4.11 -21.07
C ASN A 191 -17.36 -4.91 -21.68
N PHE A 192 -17.78 -5.92 -20.94
CA PHE A 192 -18.81 -6.82 -21.41
C PHE A 192 -20.18 -6.19 -21.18
N GLY A 193 -20.48 -5.79 -19.94
CA GLY A 193 -21.82 -5.29 -19.61
C GLY A 193 -21.83 -4.58 -18.28
N GLU A 194 -22.87 -4.81 -17.51
CA GLU A 194 -23.02 -4.20 -16.18
C GLU A 194 -22.54 -5.17 -15.10
N PRO A 195 -21.35 -4.94 -14.52
CA PRO A 195 -20.97 -5.80 -13.39
C PRO A 195 -22.00 -5.72 -12.24
N VAL A 196 -22.36 -6.87 -11.65
CA VAL A 196 -23.30 -6.91 -10.51
C VAL A 196 -22.53 -6.66 -9.20
N VAL A 197 -22.90 -5.58 -8.52
CA VAL A 197 -22.23 -5.18 -7.27
C VAL A 197 -23.00 -5.77 -6.08
N LEU A 198 -22.30 -6.52 -5.23
CA LEU A 198 -22.91 -7.09 -4.03
C LEU A 198 -23.35 -5.95 -3.11
N PRO A 199 -24.52 -6.07 -2.46
CA PRO A 199 -24.99 -4.96 -1.59
C PRO A 199 -24.19 -4.81 -0.28
N ASP A 200 -24.31 -3.64 0.32
CA ASP A 200 -23.62 -3.31 1.59
C ASP A 200 -23.87 -4.32 2.71
N GLU A 201 -25.12 -4.74 2.89
CA GLU A 201 -25.42 -5.74 3.90
C GLU A 201 -24.56 -7.02 3.71
N GLU A 202 -24.50 -7.54 2.48
CA GLU A 202 -23.67 -8.71 2.21
C GLU A 202 -22.19 -8.37 2.48
N MET A 203 -21.73 -7.20 2.03
CA MET A 203 -20.34 -6.83 2.30
C MET A 203 -20.02 -6.71 3.80
N GLU A 204 -20.97 -6.18 4.55
CA GLU A 204 -20.90 -6.18 6.04
C GLU A 204 -20.68 -7.58 6.61
N LEU A 205 -21.53 -8.51 6.16
CA LEU A 205 -21.38 -9.91 6.52
C LEU A 205 -19.99 -10.40 6.12
N MET A 206 -19.56 -10.05 4.88
CA MET A 206 -18.28 -10.50 4.39
C MET A 206 -17.15 -10.07 5.32
N ALA A 207 -17.13 -8.80 5.69
CA ALA A 207 -16.21 -8.29 6.72
C ALA A 207 -16.18 -9.17 7.96
N GLU A 208 -17.37 -9.47 8.52
CA GLU A 208 -17.38 -10.32 9.71
C GLU A 208 -16.74 -11.69 9.47
N LYS A 209 -17.06 -12.31 8.32
CA LYS A 209 -16.52 -13.66 8.05
C LYS A 209 -15.00 -13.68 7.91
N PHE A 210 -14.47 -12.62 7.28
CA PHE A 210 -13.03 -12.48 7.07
C PHE A 210 -12.26 -12.28 8.37
N LYS A 211 -12.89 -11.66 9.38
CA LYS A 211 -12.28 -11.56 10.72
C LYS A 211 -11.79 -12.94 11.21
N PHE A 212 -12.58 -13.98 10.94
CA PHE A 212 -12.23 -15.36 11.31
C PHE A 212 -11.42 -16.07 10.21
#